data_8WTL
#
_entry.id   8WTL
#
_cell.length_a   115.246
_cell.length_b   115.246
_cell.length_c   119.229
_cell.angle_alpha   90.000
_cell.angle_beta   90.000
_cell.angle_gamma   120.000
#
_symmetry.space_group_name_H-M   'P 31 2 1'
#
loop_
_entity.id
_entity.type
_entity.pdbx_description
1 polymer 'CRISPR-associated helicase Cas3'
2 non-polymer "ADENOSINE-5'-TRIPHOSPHATE"
3 non-polymer 'MAGNESIUM ION'
#
_entity_poly.entity_id   1
_entity_poly.type   'polypeptide(L)'
_entity_poly.pdbx_seq_one_letter_code
;SH(MSE)RAFEDALQKLAKAKGFKPERRPLLEGAFHFITSSEKPPFLILQAPTGYGKTLLSYALAVHSLYDAKLFDRIIH
VLP(MSE)RSIIEDIQKTAEEAFGFSRTK(MSE)(MSE)GSSGEFLHLFPLNITTADTFTWDLLKLNTKRRHRIKAGKEF
GYDYLTQASILTSLVIFDEAHFLLEDKS(MSE)VTAFLSVIEFLTSQKVPIVI(MSE)TATLSEAHKKIFKKYANKNNYN
FKVLDPENDDPFIKRELKKDIKIEFNRGDPLNFIEPGRRNAIIVNSVKRAVEIFDRAKNIWPERDRV(MSE)LIHGR
(MSE)TSSHKRDLINCLRKWQKEGDFLLIGTQAVEAGIDFSVDL(MSE)ITDRAPINSLIQRFGRVARYKNEKEGEIIIL
EDAPYGPYPEDKVEKTLDL(MSE)KRGQILPRIPETYQTIVTEVHRSITKNVNRELKGELVRL(MSE)KDPSKRAPDVLS
AVESLTVRGISI(MSE)RDFLIPLLVEDD(MSE)VLITPRKLLELYSKELVEIKGFNKEIKSLEDAYKVAKSVALGENIE
IIFIGNYDWERGIP
;
_entity_poly.pdbx_strand_id   A
#
loop_
_chem_comp.id
_chem_comp.type
_chem_comp.name
_chem_comp.formula
ATP non-polymer ADENOSINE-5'-TRIPHOSPHATE 'C10 H16 N5 O13 P3'
MG non-polymer 'MAGNESIUM ION' 'Mg 2'
#
# COMPACT_ATOMS: atom_id res chain seq x y z
N SER A 1 -6.02 32.98 -0.11
CA SER A 1 -5.62 31.56 -0.22
C SER A 1 -6.23 30.77 0.94
N HIS A 2 -5.72 31.03 2.16
CA HIS A 2 -6.21 30.46 3.42
C HIS A 2 -5.83 28.99 3.61
N MSE A 3 -4.59 28.65 3.28
CA MSE A 3 -4.09 27.32 3.50
C MSE A 3 -2.71 27.29 4.15
O MSE A 3 -1.83 26.62 3.61
CB MSE A 3 -3.98 26.54 2.19
CG MSE A 3 -5.02 26.87 1.12
SE MSE A 3 -4.39 26.39 -0.71
CE MSE A 3 -2.68 27.32 -0.67
N ARG A 4 -2.46 28.01 5.26
CA ARG A 4 -1.03 27.92 5.56
C ARG A 4 -0.66 26.57 6.20
N ALA A 5 -1.62 25.68 6.40
CA ALA A 5 -1.30 24.32 6.81
C ALA A 5 -0.59 23.59 5.68
N PHE A 6 -1.17 23.68 4.48
CA PHE A 6 -0.57 23.13 3.29
C PHE A 6 0.88 23.59 3.14
N GLU A 7 1.11 24.90 3.08
CA GLU A 7 2.47 25.35 2.81
C GLU A 7 3.38 25.09 4.01
N ASP A 8 2.81 25.05 5.22
CA ASP A 8 3.59 24.63 6.37
C ASP A 8 4.18 23.24 6.14
N ALA A 9 3.34 22.32 5.67
CA ALA A 9 3.81 20.97 5.37
C ALA A 9 4.78 20.98 4.20
N LEU A 10 4.46 21.76 3.15
CA LEU A 10 5.35 21.80 1.99
C LEU A 10 6.75 22.27 2.38
N GLN A 11 6.84 23.23 3.30
CA GLN A 11 8.17 23.68 3.68
C GLN A 11 8.86 22.65 4.56
N LYS A 12 8.17 22.16 5.59
CA LYS A 12 8.83 21.25 6.53
C LYS A 12 9.25 19.96 5.84
N LEU A 13 8.45 19.51 4.86
CA LEU A 13 8.80 18.31 4.09
C LEU A 13 9.95 18.59 3.15
N ALA A 14 9.85 19.64 2.34
CA ALA A 14 10.90 19.95 1.38
C ALA A 14 12.24 20.22 2.07
N LYS A 15 12.21 20.63 3.34
CA LYS A 15 13.46 20.68 4.10
C LYS A 15 14.00 19.28 4.33
N ALA A 16 13.15 18.42 4.91
CA ALA A 16 13.60 17.09 5.31
C ALA A 16 14.03 16.24 4.11
N LYS A 17 13.30 16.32 3.00
CA LYS A 17 13.61 15.57 1.80
C LYS A 17 14.57 16.32 0.86
N GLY A 18 14.97 17.54 1.22
CA GLY A 18 16.05 18.23 0.51
C GLY A 18 15.78 18.52 -0.94
N PHE A 19 14.54 18.87 -1.29
CA PHE A 19 14.20 19.32 -2.63
C PHE A 19 13.72 20.76 -2.57
N LYS A 20 13.76 21.41 -3.72
CA LYS A 20 13.21 22.76 -3.70
C LYS A 20 11.87 22.75 -4.40
N PRO A 21 10.86 23.42 -3.82
CA PRO A 21 9.47 23.17 -4.25
C PRO A 21 9.19 23.52 -5.69
N GLU A 22 8.13 22.92 -6.20
CA GLU A 22 7.45 23.35 -7.42
C GLU A 22 5.96 23.21 -7.14
N ARG A 23 5.15 23.97 -7.85
CA ARG A 23 3.88 24.31 -7.20
C ARG A 23 2.81 23.20 -7.30
N ARG A 24 2.93 22.24 -8.24
CA ARG A 24 2.05 21.08 -8.19
C ARG A 24 0.59 21.46 -7.94
N PRO A 25 -0.09 22.01 -8.96
CA PRO A 25 -1.42 22.60 -8.73
C PRO A 25 -2.42 21.67 -8.10
N LEU A 26 -2.58 20.45 -8.64
CA LEU A 26 -3.64 19.56 -8.18
C LEU A 26 -3.61 19.33 -6.67
N LEU A 27 -2.43 19.37 -6.07
CA LEU A 27 -2.31 19.26 -4.62
C LEU A 27 -3.06 20.39 -3.93
N GLU A 28 -2.70 21.64 -4.27
CA GLU A 28 -3.41 22.79 -3.75
C GLU A 28 -4.90 22.66 -3.98
N GLY A 29 -5.30 22.37 -5.21
CA GLY A 29 -6.71 22.26 -5.51
C GLY A 29 -7.40 21.25 -4.63
N ALA A 30 -6.71 20.15 -4.35
CA ALA A 30 -7.29 19.08 -3.54
C ALA A 30 -7.39 19.50 -2.08
N PHE A 31 -6.32 20.10 -1.55
CA PHE A 31 -6.36 20.61 -0.18
C PHE A 31 -7.52 21.56 0.02
N HIS A 32 -7.60 22.59 -0.82
CA HIS A 32 -8.68 23.57 -0.71
C HIS A 32 -10.03 22.89 -0.79
N PHE A 33 -10.22 22.02 -1.79
CA PHE A 33 -11.51 21.35 -1.93
C PHE A 33 -11.92 20.68 -0.62
N ILE A 34 -10.97 20.05 0.06
CA ILE A 34 -11.27 19.37 1.32
C ILE A 34 -11.64 20.38 2.40
N THR A 35 -10.75 21.34 2.68
CA THR A 35 -10.97 22.29 3.76
C THR A 35 -12.17 23.20 3.50
N SER A 36 -12.40 23.58 2.26
CA SER A 36 -13.61 24.25 1.77
C SER A 36 -14.69 23.17 1.74
N SER A 37 -15.64 23.22 0.78
CA SER A 37 -16.60 22.11 0.63
C SER A 37 -17.68 21.98 1.70
N GLU A 38 -18.84 22.54 1.38
CA GLU A 38 -20.11 22.36 2.07
C GLU A 38 -20.29 21.06 2.84
N LYS A 39 -20.44 19.96 2.09
CA LYS A 39 -20.84 18.64 2.56
C LYS A 39 -19.61 17.81 2.95
N PRO A 40 -19.78 16.54 3.34
CA PRO A 40 -18.65 15.60 3.31
C PRO A 40 -18.03 15.53 1.92
N PRO A 41 -16.73 15.80 1.80
CA PRO A 41 -16.10 15.66 0.48
C PRO A 41 -15.71 14.23 0.20
N PHE A 42 -15.83 13.84 -1.06
CA PHE A 42 -15.35 12.55 -1.55
C PHE A 42 -14.42 12.85 -2.72
N LEU A 43 -13.15 13.06 -2.43
CA LEU A 43 -12.18 13.40 -3.47
C LEU A 43 -11.61 12.14 -4.09
N ILE A 44 -11.59 12.10 -5.41
CA ILE A 44 -10.69 11.21 -6.13
C ILE A 44 -9.61 12.09 -6.72
N LEU A 45 -8.44 12.05 -6.13
CA LEU A 45 -7.25 12.65 -6.71
C LEU A 45 -6.61 11.60 -7.63
N GLN A 46 -6.69 11.81 -8.94
CA GLN A 46 -6.09 10.90 -9.93
C GLN A 46 -4.82 11.56 -10.47
N ALA A 47 -3.72 11.38 -9.78
CA ALA A 47 -2.51 12.04 -10.21
C ALA A 47 -1.41 11.03 -10.50
N PRO A 48 -0.52 11.31 -11.46
CA PRO A 48 0.52 10.36 -11.84
C PRO A 48 1.45 10.02 -10.68
N THR A 49 2.12 8.89 -10.88
CA THR A 49 3.13 8.44 -9.95
C THR A 49 4.22 9.51 -9.85
N GLY A 50 4.61 9.84 -8.63
CA GLY A 50 5.69 10.78 -8.42
C GLY A 50 5.26 12.23 -8.31
N TYR A 51 3.96 12.51 -8.46
CA TYR A 51 3.46 13.87 -8.38
C TYR A 51 3.85 14.56 -7.07
N GLY A 52 3.65 13.86 -5.96
CA GLY A 52 3.85 14.39 -4.61
C GLY A 52 2.61 14.22 -3.76
N LYS A 53 1.74 13.28 -4.14
CA LYS A 53 0.42 13.14 -3.53
C LYS A 53 0.46 12.89 -2.03
N THR A 54 1.51 12.22 -1.52
CA THR A 54 1.58 12.07 -0.07
C THR A 54 1.60 13.42 0.66
N LEU A 55 1.97 14.51 -0.02
CA LEU A 55 1.97 15.83 0.60
C LEU A 55 0.58 16.19 1.13
N LEU A 56 -0.45 16.02 0.29
CA LEU A 56 -1.82 16.26 0.71
C LEU A 56 -2.14 15.60 2.04
N SER A 57 -1.64 14.39 2.27
CA SER A 57 -1.90 13.73 3.55
C SER A 57 -1.20 14.48 4.67
N TYR A 58 0.10 14.70 4.52
CA TYR A 58 0.83 15.51 5.48
C TYR A 58 0.11 16.84 5.75
N ALA A 59 -0.21 17.57 4.68
CA ALA A 59 -0.89 18.86 4.84
C ALA A 59 -2.15 18.70 5.67
N LEU A 60 -3.09 17.88 5.20
CA LEU A 60 -4.32 17.66 5.94
C LEU A 60 -4.08 17.27 7.41
N ALA A 61 -2.94 16.68 7.72
CA ALA A 61 -2.71 16.21 9.07
C ALA A 61 -2.27 17.34 9.96
N VAL A 62 -1.42 18.19 9.40
CA VAL A 62 -1.03 19.43 10.05
C VAL A 62 -2.15 20.43 9.78
N HIS A 63 -3.33 19.97 9.40
CA HIS A 63 -4.55 20.77 9.46
C HIS A 63 -5.56 20.21 10.44
N SER A 64 -5.20 19.23 11.21
CA SER A 64 -6.13 18.64 12.18
C SER A 64 -5.94 19.19 13.57
N LEU A 65 -4.85 19.83 13.85
CA LEU A 65 -4.66 20.22 15.20
C LEU A 65 -5.09 21.70 15.39
N TYR A 66 -5.54 22.38 14.32
CA TYR A 66 -6.00 23.78 14.24
C TYR A 66 -7.49 23.80 14.07
N ASP A 67 -7.93 23.10 13.04
CA ASP A 67 -9.32 23.01 12.65
C ASP A 67 -9.66 21.55 12.74
N ALA A 68 -10.77 21.23 13.40
CA ALA A 68 -11.16 19.84 13.56
C ALA A 68 -12.66 19.68 13.36
N LYS A 69 -13.28 20.59 12.62
CA LYS A 69 -14.73 20.50 12.39
C LYS A 69 -15.09 19.36 11.47
N LEU A 70 -14.23 19.07 10.49
CA LEU A 70 -14.52 18.06 9.49
C LEU A 70 -13.94 16.69 9.83
N PHE A 71 -12.74 16.69 10.41
CA PHE A 71 -12.02 15.50 10.83
C PHE A 71 -11.05 15.92 11.94
N ASP A 72 -10.78 15.00 12.87
CA ASP A 72 -9.85 15.29 13.97
C ASP A 72 -8.44 14.73 13.74
N ARG A 73 -8.28 13.85 12.74
CA ARG A 73 -7.00 13.26 12.38
C ARG A 73 -7.14 12.69 10.98
N ILE A 74 -5.99 12.29 10.43
CA ILE A 74 -5.88 11.67 9.12
C ILE A 74 -5.52 10.20 9.31
N ILE A 75 -6.24 9.33 8.63
CA ILE A 75 -5.89 7.91 8.52
C ILE A 75 -5.42 7.63 7.10
N HIS A 76 -4.13 7.34 6.94
CA HIS A 76 -3.49 7.14 5.64
C HIS A 76 -3.38 5.63 5.36
N VAL A 77 -4.22 5.13 4.45
CA VAL A 77 -4.26 3.70 4.14
C VAL A 77 -3.42 3.36 2.91
N LEU A 78 -2.42 2.53 3.10
CA LEU A 78 -1.63 1.98 2.00
C LEU A 78 -2.15 0.60 1.62
N PRO A 79 -1.65 0.03 0.53
CA PRO A 79 -2.15 -1.29 0.12
C PRO A 79 -1.63 -2.41 1.00
N MSE A 80 -2.39 -3.50 0.98
CA MSE A 80 -2.18 -4.66 1.83
C MSE A 80 -0.72 -5.13 1.95
O MSE A 80 -0.18 -5.28 3.03
CB MSE A 80 -3.04 -5.80 1.29
CG MSE A 80 -3.57 -6.66 2.39
SE MSE A 80 -4.14 -8.49 2.14
CE MSE A 80 -5.96 -8.10 1.60
N ARG A 81 -0.06 -5.37 0.82
CA ARG A 81 1.29 -5.88 0.96
C ARG A 81 2.27 -4.81 1.45
N SER A 82 1.83 -3.54 1.55
CA SER A 82 2.76 -2.42 1.50
C SER A 82 3.51 -2.23 2.80
N ILE A 83 4.67 -1.60 2.66
CA ILE A 83 5.54 -1.26 3.76
C ILE A 83 5.26 0.17 4.17
N ILE A 84 4.90 0.36 5.44
CA ILE A 84 4.47 1.69 5.91
C ILE A 84 5.58 2.45 6.62
N GLU A 85 6.71 1.82 6.89
CA GLU A 85 7.79 2.42 7.65
C GLU A 85 8.33 3.69 6.98
N ASP A 86 8.19 3.83 5.69
CA ASP A 86 8.81 5.00 5.05
C ASP A 86 8.03 6.28 5.33
N ILE A 87 6.72 6.19 5.38
CA ILE A 87 5.86 7.34 5.60
C ILE A 87 5.85 7.69 7.07
N GLN A 88 5.73 6.68 7.93
CA GLN A 88 6.00 6.84 9.35
C GLN A 88 7.33 7.57 9.60
N LYS A 89 8.38 7.20 8.90
CA LYS A 89 9.66 7.81 9.19
C LYS A 89 9.80 9.25 8.68
N THR A 90 8.90 9.74 7.84
CA THR A 90 8.93 11.19 7.59
C THR A 90 7.85 11.94 8.35
N ALA A 91 6.73 11.29 8.66
CA ALA A 91 5.81 11.84 9.66
C ALA A 91 6.56 12.15 10.95
N GLU A 92 7.46 11.26 11.34
CA GLU A 92 8.16 11.44 12.60
C GLU A 92 9.31 12.42 12.45
N GLU A 93 10.11 12.28 11.39
CA GLU A 93 11.32 13.08 11.28
C GLU A 93 11.03 14.48 10.76
N ALA A 94 10.05 14.61 9.87
CA ALA A 94 9.83 15.89 9.18
C ALA A 94 8.78 16.76 9.85
N PHE A 95 7.88 16.18 10.64
CA PHE A 95 6.83 16.95 11.31
C PHE A 95 6.75 16.73 12.80
N GLY A 96 7.33 15.66 13.33
CA GLY A 96 7.29 15.45 14.76
C GLY A 96 5.91 15.03 15.24
N PHE A 97 5.50 13.84 14.83
CA PHE A 97 4.21 13.30 15.24
C PHE A 97 4.39 12.09 16.18
N LEU A 110 -2.79 4.25 24.27
CA LEU A 110 -3.76 4.70 23.27
C LEU A 110 -3.84 6.22 23.22
N HIS A 111 -3.43 6.80 22.09
CA HIS A 111 -3.25 8.24 21.97
C HIS A 111 -3.92 8.73 20.70
N LEU A 112 -3.87 10.06 20.49
CA LEU A 112 -4.48 10.69 19.32
C LEU A 112 -3.34 11.21 18.44
N PHE A 113 -3.13 10.50 17.25
CA PHE A 113 -2.11 11.16 16.45
C PHE A 113 -2.75 11.89 15.28
N PRO A 114 -2.14 12.98 14.83
CA PRO A 114 -2.68 13.68 13.66
C PRO A 114 -2.57 12.87 12.36
N LEU A 115 -1.72 11.85 12.32
CA LEU A 115 -1.45 11.11 11.10
C LEU A 115 -1.24 9.64 11.42
N ASN A 116 -2.16 8.80 10.99
CA ASN A 116 -2.07 7.37 11.28
C ASN A 116 -1.93 6.57 10.00
N ILE A 117 -0.93 5.72 9.97
CA ILE A 117 -0.55 5.00 8.76
C ILE A 117 -0.86 3.54 8.96
N THR A 118 -1.75 3.02 8.13
CA THR A 118 -2.21 1.65 8.22
C THR A 118 -2.20 1.03 6.83
N THR A 119 -2.65 -0.21 6.79
CA THR A 119 -2.61 -1.00 5.60
C THR A 119 -4.02 -1.49 5.34
N ALA A 120 -4.34 -1.76 4.07
CA ALA A 120 -5.75 -1.80 3.72
C ALA A 120 -6.45 -3.00 4.33
N ASP A 121 -5.74 -4.11 4.59
CA ASP A 121 -6.47 -5.19 5.26
C ASP A 121 -6.65 -4.88 6.74
N THR A 122 -5.61 -4.38 7.41
CA THR A 122 -5.77 -3.88 8.77
C THR A 122 -6.96 -2.95 8.87
N PHE A 123 -7.04 -2.01 7.92
CA PHE A 123 -8.13 -1.05 7.92
C PHE A 123 -9.49 -1.72 7.92
N THR A 124 -9.68 -2.76 7.09
CA THR A 124 -11.02 -3.31 7.01
C THR A 124 -11.32 -4.19 8.22
N TRP A 125 -10.33 -4.94 8.72
CA TRP A 125 -10.54 -5.64 9.98
C TRP A 125 -10.98 -4.67 11.08
N ASP A 126 -10.31 -3.52 11.18
CA ASP A 126 -10.67 -2.53 12.19
C ASP A 126 -12.12 -2.13 12.06
N LEU A 127 -12.55 -1.79 10.84
CA LEU A 127 -13.95 -1.41 10.67
C LEU A 127 -14.88 -2.57 10.95
N LEU A 128 -14.40 -3.81 10.84
CA LEU A 128 -15.17 -4.96 11.26
C LEU A 128 -14.95 -5.31 12.73
N LYS A 129 -14.45 -4.35 13.53
CA LYS A 129 -14.40 -4.46 14.99
C LYS A 129 -13.57 -5.66 15.45
N LEU A 130 -12.61 -6.10 14.63
CA LEU A 130 -11.74 -7.23 14.90
C LEU A 130 -10.43 -6.78 15.52
N ASN A 131 -9.78 -7.71 16.20
CA ASN A 131 -8.58 -7.39 16.98
C ASN A 131 -7.37 -7.25 16.07
N THR A 132 -6.86 -6.03 15.96
CA THR A 132 -5.67 -5.75 15.16
C THR A 132 -4.54 -5.16 16.00
N LYS A 133 -4.50 -5.48 17.29
CA LYS A 133 -3.77 -4.64 18.24
C LYS A 133 -2.28 -4.54 17.91
N ARG A 134 -1.54 -5.66 17.95
CA ARG A 134 -0.09 -5.57 17.82
C ARG A 134 0.35 -4.96 16.50
N ARG A 135 -0.56 -4.83 15.54
CA ARG A 135 -0.30 -4.06 14.32
C ARG A 135 -0.14 -2.57 14.61
N HIS A 136 -0.90 -2.04 15.57
CA HIS A 136 -0.91 -0.62 15.86
C HIS A 136 0.12 -0.21 16.92
N ARG A 137 1.06 -1.08 17.30
CA ARG A 137 1.99 -0.73 18.38
C ARG A 137 3.09 0.26 17.96
N GLY A 145 3.17 3.02 22.76
CA GLY A 145 1.76 2.69 22.69
C GLY A 145 1.11 2.41 21.32
N TYR A 146 -0.19 2.74 21.24
CA TYR A 146 -1.06 2.44 20.11
C TYR A 146 -1.71 3.72 19.58
N ASP A 147 -1.86 3.81 18.26
CA ASP A 147 -2.34 5.04 17.60
C ASP A 147 -3.86 5.15 17.57
N TYR A 148 -4.56 4.12 17.05
CA TYR A 148 -6.00 3.98 17.25
C TYR A 148 -6.30 2.49 17.39
N LEU A 149 -7.41 2.18 18.09
CA LEU A 149 -7.75 0.78 18.32
C LEU A 149 -9.24 0.50 18.21
N THR A 150 -10.00 1.35 17.52
CA THR A 150 -11.46 1.36 17.60
C THR A 150 -12.03 1.82 16.28
N GLN A 151 -13.12 1.18 15.89
CA GLN A 151 -13.92 1.67 14.79
C GLN A 151 -14.25 3.15 14.97
N ALA A 152 -14.67 3.52 16.19
CA ALA A 152 -15.16 4.89 16.42
C ALA A 152 -14.10 5.96 16.14
N SER A 153 -12.82 5.68 16.42
CA SER A 153 -11.80 6.65 16.04
C SER A 153 -11.74 6.82 14.53
N ILE A 154 -11.95 5.72 13.77
CA ILE A 154 -11.92 5.79 12.31
C ILE A 154 -13.05 6.67 11.80
N LEU A 155 -14.22 6.60 12.44
CA LEU A 155 -15.37 7.40 12.02
C LEU A 155 -15.21 8.89 12.30
N THR A 156 -14.29 9.30 13.18
CA THR A 156 -14.01 10.72 13.35
C THR A 156 -12.85 11.22 12.47
N SER A 157 -12.38 10.40 11.52
CA SER A 157 -11.21 10.71 10.71
C SER A 157 -11.58 11.25 9.34
N LEU A 158 -10.58 11.78 8.66
CA LEU A 158 -10.54 11.80 7.21
C LEU A 158 -9.69 10.61 6.79
N VAL A 159 -10.24 9.79 5.90
CA VAL A 159 -9.65 8.52 5.47
C VAL A 159 -9.08 8.68 4.07
N ILE A 160 -7.78 8.52 3.93
CA ILE A 160 -7.12 8.62 2.63
C ILE A 160 -6.60 7.25 2.19
N PHE A 161 -7.16 6.73 1.11
CA PHE A 161 -6.63 5.54 0.46
C PHE A 161 -5.56 5.96 -0.54
N ASP A 162 -4.31 5.57 -0.26
CA ASP A 162 -3.14 5.86 -1.09
C ASP A 162 -2.89 4.61 -1.91
N GLU A 163 -3.50 4.54 -3.10
CA GLU A 163 -3.32 3.39 -3.98
C GLU A 163 -3.87 2.11 -3.36
N ALA A 164 -4.77 2.24 -2.38
CA ALA A 164 -5.19 1.08 -1.60
C ALA A 164 -6.55 0.54 -2.02
N HIS A 165 -7.24 1.20 -2.94
CA HIS A 165 -8.54 0.68 -3.32
C HIS A 165 -8.45 -0.61 -4.10
N PHE A 166 -7.23 -1.04 -4.48
CA PHE A 166 -7.05 -2.19 -5.36
C PHE A 166 -7.24 -3.49 -4.66
N LEU A 167 -7.83 -3.41 -3.47
CA LEU A 167 -8.33 -4.59 -2.80
C LEU A 167 -9.57 -5.13 -3.50
N LEU A 168 -10.22 -4.33 -4.35
CA LEU A 168 -11.36 -4.81 -5.11
C LEU A 168 -10.97 -5.84 -6.17
N GLU A 169 -9.72 -5.78 -6.64
CA GLU A 169 -9.14 -6.74 -7.57
C GLU A 169 -8.67 -8.01 -6.90
N ASP A 170 -8.72 -8.10 -5.57
CA ASP A 170 -8.44 -9.34 -4.85
C ASP A 170 -9.75 -10.08 -4.63
N LYS A 171 -9.85 -11.28 -5.19
CA LYS A 171 -11.09 -12.05 -5.08
C LYS A 171 -11.46 -12.28 -3.62
N SER A 172 -10.48 -12.55 -2.76
CA SER A 172 -10.72 -12.99 -1.38
C SER A 172 -11.24 -11.87 -0.47
N MSE A 173 -11.09 -10.60 -0.86
CA MSE A 173 -11.45 -9.45 -0.06
C MSE A 173 -12.52 -8.51 -0.55
O MSE A 173 -13.08 -7.74 0.23
CB MSE A 173 -10.21 -8.60 0.23
CG MSE A 173 -9.12 -9.37 0.88
SE MSE A 173 -9.33 -9.71 2.83
CE MSE A 173 -8.59 -8.03 3.71
N VAL A 174 -12.79 -8.53 -1.85
CA VAL A 174 -13.56 -7.46 -2.47
C VAL A 174 -14.87 -7.24 -1.72
N THR A 175 -15.53 -8.34 -1.34
CA THR A 175 -16.81 -8.24 -0.66
C THR A 175 -16.68 -7.50 0.65
N ALA A 176 -15.57 -7.71 1.37
CA ALA A 176 -15.33 -7.02 2.63
C ALA A 176 -14.96 -5.55 2.40
N PHE A 177 -13.90 -5.32 1.63
CA PHE A 177 -13.49 -3.94 1.33
C PHE A 177 -14.61 -3.13 0.70
N LEU A 178 -15.59 -3.77 0.07
CA LEU A 178 -16.73 -3.05 -0.46
C LEU A 178 -17.70 -2.70 0.64
N SER A 179 -17.90 -3.61 1.58
CA SER A 179 -18.70 -3.27 2.75
C SER A 179 -18.06 -2.13 3.53
N VAL A 180 -16.73 -2.11 3.61
CA VAL A 180 -16.11 -1.00 4.33
C VAL A 180 -16.20 0.28 3.53
N ILE A 181 -16.27 0.21 2.19
CA ILE A 181 -16.52 1.42 1.44
C ILE A 181 -17.98 1.84 1.61
N GLU A 182 -18.89 0.88 1.58
CA GLU A 182 -20.30 1.19 1.77
C GLU A 182 -20.54 1.79 3.14
N PHE A 183 -19.92 1.22 4.16
CA PHE A 183 -20.19 1.62 5.53
C PHE A 183 -19.56 2.97 5.82
N LEU A 184 -18.28 3.12 5.48
CA LEU A 184 -17.62 4.41 5.58
C LEU A 184 -18.48 5.50 4.97
N THR A 185 -18.99 5.26 3.75
CA THR A 185 -19.79 6.30 3.11
C THR A 185 -21.11 6.51 3.82
N SER A 186 -21.66 5.45 4.43
CA SER A 186 -22.94 5.57 5.12
C SER A 186 -22.83 6.49 6.32
N GLN A 187 -21.70 6.43 7.02
CA GLN A 187 -21.42 7.32 8.14
C GLN A 187 -20.82 8.65 7.70
N LYS A 188 -20.94 8.97 6.42
CA LYS A 188 -20.54 10.25 5.85
C LYS A 188 -19.16 10.69 6.35
N VAL A 189 -18.25 9.72 6.44
CA VAL A 189 -16.84 10.01 6.75
C VAL A 189 -16.18 10.61 5.53
N PRO A 190 -15.43 11.70 5.65
CA PRO A 190 -14.75 12.27 4.48
C PRO A 190 -13.67 11.31 3.99
N ILE A 191 -13.50 11.24 2.67
CA ILE A 191 -12.69 10.20 2.03
C ILE A 191 -11.93 10.81 0.86
N VAL A 192 -10.63 10.56 0.79
CA VAL A 192 -9.81 10.86 -0.38
C VAL A 192 -9.31 9.57 -1.02
N ILE A 193 -9.28 9.53 -2.34
CA ILE A 193 -8.84 8.33 -3.06
C ILE A 193 -7.70 8.70 -4.00
N MSE A 194 -6.48 8.42 -3.57
CA MSE A 194 -5.29 8.76 -4.30
C MSE A 194 -4.86 7.59 -5.17
O MSE A 194 -4.79 6.44 -4.70
CB MSE A 194 -4.15 9.10 -3.34
CG MSE A 194 -4.53 9.96 -2.14
SE MSE A 194 -2.96 11.05 -1.63
CE MSE A 194 -1.95 9.76 -0.55
N THR A 195 -4.57 7.85 -6.45
CA THR A 195 -4.24 6.78 -7.38
C THR A 195 -3.70 7.39 -8.66
N ALA A 196 -2.68 6.72 -9.24
CA ALA A 196 -2.26 7.10 -10.58
C ALA A 196 -3.08 6.38 -11.64
N THR A 197 -3.75 5.29 -11.23
CA THR A 197 -4.37 4.32 -12.12
C THR A 197 -5.81 4.13 -11.66
N LEU A 198 -6.68 5.02 -12.13
CA LEU A 198 -8.09 4.97 -11.79
C LEU A 198 -8.83 4.40 -12.99
N SER A 199 -9.26 3.14 -12.86
CA SER A 199 -10.21 2.60 -13.81
C SER A 199 -11.53 3.38 -13.71
N GLU A 200 -12.35 3.33 -14.75
CA GLU A 200 -13.67 3.93 -14.59
C GLU A 200 -14.70 2.94 -14.11
N ALA A 201 -14.42 1.64 -14.20
CA ALA A 201 -15.18 0.70 -13.39
C ALA A 201 -15.03 1.02 -11.89
N HIS A 202 -13.81 1.42 -11.48
CA HIS A 202 -13.57 1.89 -10.12
C HIS A 202 -14.31 3.19 -9.85
N LYS A 203 -14.09 4.19 -10.72
CA LYS A 203 -14.71 5.50 -10.55
C LYS A 203 -16.20 5.39 -10.32
N LYS A 204 -16.86 4.43 -10.96
CA LYS A 204 -18.32 4.38 -10.91
C LYS A 204 -18.82 3.87 -9.56
N ILE A 205 -18.20 2.83 -8.99
CA ILE A 205 -18.70 2.34 -7.70
C ILE A 205 -18.35 3.31 -6.58
N PHE A 206 -17.24 4.05 -6.71
CA PHE A 206 -17.01 5.15 -5.79
C PHE A 206 -18.09 6.21 -5.96
N LYS A 207 -18.27 6.71 -7.18
CA LYS A 207 -19.26 7.76 -7.38
C LYS A 207 -20.63 7.32 -6.88
N LYS A 208 -20.98 6.06 -7.10
CA LYS A 208 -22.24 5.54 -6.61
C LYS A 208 -22.41 5.79 -5.10
N TYR A 209 -21.48 5.25 -4.32
CA TYR A 209 -21.60 5.33 -2.86
C TYR A 209 -21.47 6.76 -2.37
N ALA A 210 -20.71 7.58 -3.09
CA ALA A 210 -20.62 9.00 -2.75
C ALA A 210 -21.90 9.73 -3.10
N ASN A 211 -22.59 9.30 -4.16
CA ASN A 211 -23.88 9.90 -4.47
C ASN A 211 -24.95 9.36 -3.52
N LYS A 212 -24.95 8.04 -3.28
CA LYS A 212 -25.96 7.42 -2.42
C LYS A 212 -26.07 8.07 -1.05
N ASN A 213 -24.96 8.63 -0.55
CA ASN A 213 -24.96 9.25 0.77
C ASN A 213 -24.76 10.75 0.70
N ASN A 214 -24.89 11.34 -0.49
CA ASN A 214 -24.89 12.79 -0.70
C ASN A 214 -23.61 13.44 -0.19
N TYR A 215 -22.49 12.87 -0.61
CA TYR A 215 -21.21 13.55 -0.48
C TYR A 215 -21.13 14.70 -1.48
N ASN A 216 -20.10 15.51 -1.31
CA ASN A 216 -19.69 16.45 -2.33
C ASN A 216 -18.60 15.73 -3.14
N PHE A 217 -19.01 15.09 -4.23
CA PHE A 217 -18.10 14.30 -5.05
C PHE A 217 -17.36 15.15 -6.06
N LYS A 218 -16.10 14.78 -6.31
CA LYS A 218 -15.24 15.55 -7.22
C LYS A 218 -14.05 14.69 -7.64
N VAL A 219 -13.71 14.72 -8.93
CA VAL A 219 -12.50 14.08 -9.44
C VAL A 219 -11.56 15.18 -9.89
N LEU A 220 -10.32 15.15 -9.40
CA LEU A 220 -9.27 16.03 -9.90
C LEU A 220 -8.18 15.20 -10.55
N ASP A 221 -8.12 15.24 -11.89
CA ASP A 221 -6.99 14.76 -12.68
C ASP A 221 -6.26 15.96 -13.28
N PRO A 222 -4.98 15.82 -13.64
CA PRO A 222 -4.28 16.98 -14.21
C PRO A 222 -4.86 17.34 -15.57
N GLU A 223 -4.70 18.60 -15.93
CA GLU A 223 -5.12 19.06 -17.24
C GLU A 223 -3.91 19.54 -18.02
N ASN A 224 -4.16 19.78 -19.31
CA ASN A 224 -3.12 19.71 -20.33
C ASN A 224 -1.93 20.61 -20.05
N ASP A 225 -2.05 21.58 -19.15
CA ASP A 225 -1.01 22.56 -18.90
C ASP A 225 -0.17 22.24 -17.65
N ASP A 226 -0.23 21.02 -17.17
CA ASP A 226 0.27 20.73 -15.83
C ASP A 226 1.79 20.80 -15.77
N PRO A 227 2.37 21.65 -14.91
CA PRO A 227 3.84 21.78 -14.88
C PRO A 227 4.57 20.48 -14.59
N PHE A 228 3.88 19.47 -14.08
CA PHE A 228 4.53 18.21 -13.73
C PHE A 228 4.60 17.30 -14.95
N ILE A 229 3.46 17.09 -15.61
CA ILE A 229 3.44 16.23 -16.79
C ILE A 229 4.48 16.69 -17.81
N LYS A 230 4.68 18.00 -17.94
CA LYS A 230 5.63 18.51 -18.92
C LYS A 230 7.07 18.33 -18.47
N ARG A 231 7.32 18.41 -17.17
CA ARG A 231 8.63 18.04 -16.63
C ARG A 231 9.00 16.63 -17.04
N GLU A 232 8.01 15.73 -17.07
CA GLU A 232 8.24 14.32 -17.33
C GLU A 232 8.04 13.94 -18.79
N LEU A 233 7.45 14.81 -19.60
CA LEU A 233 7.44 14.57 -21.03
C LEU A 233 8.83 14.72 -21.62
N LYS A 234 9.59 15.69 -21.10
CA LYS A 234 10.97 15.92 -21.51
C LYS A 234 11.86 14.71 -21.24
N LYS A 235 11.49 13.88 -20.25
CA LYS A 235 12.28 12.70 -19.94
C LYS A 235 11.95 11.58 -20.89
N ASP A 236 12.98 10.82 -21.23
CA ASP A 236 12.83 9.59 -21.98
C ASP A 236 13.33 8.45 -21.12
N ILE A 237 12.42 7.57 -20.76
CA ILE A 237 12.74 6.40 -20.00
C ILE A 237 12.24 5.24 -20.83
N LYS A 238 13.19 4.47 -21.38
CA LYS A 238 12.84 3.39 -22.28
C LYS A 238 12.37 2.20 -21.47
N ILE A 239 11.39 1.48 -22.01
CA ILE A 239 10.93 0.26 -21.39
C ILE A 239 11.02 -0.86 -22.42
N GLU A 240 11.61 -1.97 -22.00
CA GLU A 240 11.89 -3.10 -22.87
C GLU A 240 11.35 -4.38 -22.23
N PHE A 241 11.02 -5.35 -23.07
CA PHE A 241 10.60 -6.66 -22.57
C PHE A 241 11.76 -7.64 -22.68
N ASN A 242 11.68 -8.71 -21.89
CA ASN A 242 12.76 -9.69 -21.86
C ASN A 242 12.35 -10.91 -21.06
N ARG A 243 13.24 -11.89 -21.02
CA ARG A 243 12.99 -13.17 -20.39
C ARG A 243 14.21 -13.57 -19.58
N GLY A 244 14.00 -14.49 -18.64
CA GLY A 244 15.11 -15.08 -17.91
C GLY A 244 15.42 -14.47 -16.55
N ASP A 245 16.62 -14.85 -16.05
CA ASP A 245 17.07 -14.49 -14.72
C ASP A 245 17.26 -12.98 -14.62
N PRO A 246 16.62 -12.34 -13.63
CA PRO A 246 16.72 -10.88 -13.52
C PRO A 246 18.14 -10.36 -13.44
N LEU A 247 19.08 -11.15 -12.93
CA LEU A 247 20.44 -10.63 -12.85
C LEU A 247 21.17 -10.65 -14.19
N ASN A 248 20.54 -11.15 -15.27
CA ASN A 248 21.09 -10.95 -16.62
C ASN A 248 21.20 -9.46 -16.98
N PHE A 249 20.40 -8.59 -16.35
CA PHE A 249 20.22 -7.25 -16.84
C PHE A 249 20.79 -6.16 -15.91
N ILE A 250 21.50 -6.53 -14.84
CA ILE A 250 21.99 -5.50 -13.95
C ILE A 250 23.09 -4.68 -14.63
N GLU A 251 23.34 -3.51 -14.05
CA GLU A 251 24.31 -2.56 -14.59
C GLU A 251 24.97 -1.81 -13.44
N PRO A 252 26.07 -2.35 -12.91
CA PRO A 252 26.84 -1.64 -11.87
C PRO A 252 27.18 -0.23 -12.32
N GLY A 253 27.37 0.70 -11.37
CA GLY A 253 27.62 2.08 -11.70
C GLY A 253 26.37 2.91 -11.93
N ARG A 254 25.21 2.28 -11.99
CA ARG A 254 23.93 2.97 -11.93
C ARG A 254 23.17 2.45 -10.70
N ARG A 255 22.12 3.17 -10.34
CA ARG A 255 21.21 2.70 -9.29
C ARG A 255 20.28 1.65 -9.87
N ASN A 256 20.30 0.46 -9.29
CA ASN A 256 19.56 -0.68 -9.83
C ASN A 256 18.47 -1.12 -8.86
N ALA A 257 17.42 -1.70 -9.42
CA ALA A 257 16.33 -2.22 -8.59
C ALA A 257 15.65 -3.40 -9.30
N ILE A 258 15.68 -4.57 -8.68
CA ILE A 258 14.94 -5.72 -9.16
C ILE A 258 13.73 -5.90 -8.25
N ILE A 259 12.54 -5.84 -8.84
CA ILE A 259 11.27 -5.96 -8.12
C ILE A 259 10.55 -7.19 -8.65
N VAL A 260 10.27 -8.14 -7.77
CA VAL A 260 9.66 -9.40 -8.15
C VAL A 260 8.35 -9.59 -7.39
N ASN A 261 7.60 -10.60 -7.77
CA ASN A 261 6.23 -10.74 -7.29
C ASN A 261 6.11 -11.68 -6.10
N SER A 262 7.20 -12.15 -5.53
CA SER A 262 7.07 -12.94 -4.32
C SER A 262 8.33 -12.76 -3.50
N VAL A 263 8.17 -12.92 -2.19
CA VAL A 263 9.30 -12.73 -1.29
C VAL A 263 10.34 -13.82 -1.50
N LYS A 264 9.89 -15.06 -1.72
CA LYS A 264 10.82 -16.18 -1.91
C LYS A 264 11.67 -15.97 -3.15
N ARG A 265 11.03 -15.59 -4.26
CA ARG A 265 11.76 -15.17 -5.45
C ARG A 265 12.78 -14.08 -5.14
N ALA A 266 12.35 -13.08 -4.36
CA ALA A 266 13.22 -11.94 -4.02
C ALA A 266 14.42 -12.40 -3.23
N VAL A 267 14.21 -13.30 -2.28
CA VAL A 267 15.29 -13.78 -1.43
C VAL A 267 16.35 -14.50 -2.25
N GLU A 268 15.93 -15.41 -3.14
CA GLU A 268 16.93 -16.15 -3.89
C GLU A 268 17.66 -15.28 -4.89
N ILE A 269 17.02 -14.28 -5.47
CA ILE A 269 17.78 -13.32 -6.26
C ILE A 269 18.83 -12.64 -5.39
N PHE A 270 18.46 -12.28 -4.17
CA PHE A 270 19.36 -11.54 -3.29
C PHE A 270 20.52 -12.40 -2.82
N ASP A 271 20.27 -13.70 -2.61
CA ASP A 271 21.30 -14.66 -2.25
C ASP A 271 22.44 -14.72 -3.25
N ARG A 272 22.13 -14.46 -4.52
CA ARG A 272 23.20 -14.40 -5.51
C ARG A 272 23.67 -12.98 -5.76
N ALA A 273 22.79 -11.99 -5.66
CA ALA A 273 23.20 -10.62 -5.92
C ALA A 273 24.23 -10.14 -4.89
N LYS A 274 24.20 -10.67 -3.66
CA LYS A 274 25.19 -10.25 -2.67
C LYS A 274 26.61 -10.51 -3.15
N ASN A 275 26.82 -11.66 -3.80
CA ASN A 275 28.14 -12.02 -4.33
C ASN A 275 28.42 -11.44 -5.71
N ILE A 276 27.39 -11.24 -6.54
CA ILE A 276 27.59 -10.73 -7.89
C ILE A 276 27.90 -9.24 -7.88
N TRP A 277 27.08 -8.43 -7.20
CA TRP A 277 27.25 -6.98 -7.24
C TRP A 277 28.63 -6.58 -6.68
N PRO A 278 29.29 -5.56 -7.26
CA PRO A 278 30.68 -5.26 -6.88
C PRO A 278 30.88 -4.96 -5.41
N GLU A 279 30.15 -3.97 -4.89
CA GLU A 279 30.16 -3.63 -3.46
C GLU A 279 29.05 -4.41 -2.77
N ARG A 280 29.42 -5.38 -1.94
CA ARG A 280 28.43 -6.08 -1.13
C ARG A 280 27.66 -5.11 -0.23
N ASP A 281 28.32 -4.02 0.20
CA ASP A 281 27.66 -2.99 1.01
C ASP A 281 26.40 -2.46 0.34
N ARG A 282 26.38 -2.44 -0.99
CA ARG A 282 25.33 -1.74 -1.73
C ARG A 282 24.30 -2.69 -2.33
N VAL A 283 24.21 -3.92 -1.80
CA VAL A 283 23.12 -4.83 -2.14
C VAL A 283 22.16 -4.91 -0.97
N MSE A 284 20.88 -4.92 -1.27
CA MSE A 284 19.80 -4.72 -0.30
C MSE A 284 18.53 -5.49 -0.61
O MSE A 284 17.99 -5.36 -1.71
CB MSE A 284 19.45 -3.25 -0.26
CG MSE A 284 18.37 -2.86 0.77
SE MSE A 284 18.29 -0.92 1.13
CE MSE A 284 16.43 -0.62 1.05
N LEU A 285 17.98 -6.21 0.37
CA LEU A 285 16.70 -6.89 0.21
C LEU A 285 15.61 -6.26 1.09
N ILE A 286 14.48 -5.91 0.48
CA ILE A 286 13.28 -5.46 1.17
C ILE A 286 12.11 -6.36 0.80
N HIS A 287 11.38 -6.85 1.79
CA HIS A 287 10.05 -7.38 1.54
C HIS A 287 9.24 -7.18 2.82
N GLY A 288 8.05 -7.74 2.86
CA GLY A 288 7.19 -7.52 4.01
C GLY A 288 7.37 -8.49 5.16
N ARG A 289 7.99 -9.64 4.92
CA ARG A 289 8.13 -10.65 5.98
C ARG A 289 9.34 -10.39 6.85
N MSE A 290 9.43 -9.14 7.28
CA MSE A 290 10.53 -8.69 8.10
C MSE A 290 9.95 -7.93 9.27
O MSE A 290 8.79 -7.53 9.24
CB MSE A 290 11.46 -7.80 7.30
CG MSE A 290 11.48 -8.09 5.80
SE MSE A 290 13.11 -7.30 5.07
CE MSE A 290 12.25 -5.53 4.75
N THR A 291 10.77 -7.72 10.30
CA THR A 291 10.37 -6.92 11.44
C THR A 291 10.32 -5.45 11.07
N SER A 292 9.46 -4.70 11.77
CA SER A 292 9.40 -3.25 11.59
C SER A 292 10.73 -2.58 11.91
N SER A 293 11.43 -3.05 12.93
CA SER A 293 12.74 -2.49 13.23
C SER A 293 13.64 -2.57 12.02
N HIS A 294 13.73 -3.78 11.44
CA HIS A 294 14.50 -4.07 10.23
C HIS A 294 14.07 -3.18 9.07
N LYS A 295 12.78 -3.15 8.78
CA LYS A 295 12.29 -2.28 7.71
C LYS A 295 12.83 -0.86 7.83
N ARG A 296 12.68 -0.23 9.03
CA ARG A 296 13.15 1.15 9.22
C ARG A 296 14.66 1.26 9.05
N ASP A 297 15.41 0.28 9.58
CA ASP A 297 16.86 0.23 9.32
C ASP A 297 17.15 0.33 7.83
N LEU A 298 16.39 -0.40 7.01
CA LEU A 298 16.64 -0.42 5.57
C LEU A 298 16.27 0.91 4.92
N ILE A 299 15.11 1.45 5.31
CA ILE A 299 14.69 2.78 4.88
C ILE A 299 15.78 3.82 5.12
N ASN A 300 16.50 3.69 6.24
CA ASN A 300 17.52 4.69 6.53
C ASN A 300 18.73 4.50 5.63
N CYS A 301 19.22 3.25 5.51
CA CYS A 301 20.28 2.96 4.54
C CYS A 301 19.88 3.40 3.13
N LEU A 302 18.61 3.27 2.77
CA LEU A 302 18.17 3.53 1.39
C LEU A 302 18.19 5.02 1.06
N ARG A 303 17.88 5.88 2.03
CA ARG A 303 17.88 7.31 1.76
C ARG A 303 19.30 7.85 1.69
N LYS A 304 20.20 7.32 2.52
CA LYS A 304 21.63 7.56 2.33
C LYS A 304 22.07 7.15 0.93
N TRP A 305 21.63 5.99 0.47
CA TRP A 305 22.16 5.47 -0.78
C TRP A 305 21.74 6.28 -1.99
N GLN A 306 20.71 7.11 -1.91
CA GLN A 306 20.21 7.70 -3.15
C GLN A 306 21.08 8.85 -3.62
N LYS A 307 21.50 9.71 -2.68
CA LYS A 307 22.38 10.82 -3.00
C LYS A 307 23.81 10.36 -3.26
N GLU A 308 24.27 9.31 -2.54
CA GLU A 308 25.58 8.71 -2.79
C GLU A 308 25.40 7.59 -3.81
N GLY A 309 25.73 7.90 -5.06
CA GLY A 309 26.18 6.86 -5.98
C GLY A 309 25.19 5.75 -6.16
N ASP A 310 25.72 4.56 -6.47
CA ASP A 310 24.97 3.46 -7.05
C ASP A 310 24.90 2.25 -6.11
N PHE A 311 23.93 1.38 -6.37
CA PHE A 311 23.51 0.31 -5.48
C PHE A 311 22.54 -0.56 -6.25
N LEU A 312 22.28 -1.75 -5.70
CA LEU A 312 21.26 -2.64 -6.21
C LEU A 312 20.27 -2.95 -5.09
N LEU A 313 18.98 -2.86 -5.39
CA LEU A 313 17.93 -3.08 -4.42
C LEU A 313 17.01 -4.18 -4.94
N ILE A 314 16.89 -5.26 -4.17
CA ILE A 314 15.97 -6.34 -4.47
C ILE A 314 14.72 -6.15 -3.63
N GLY A 315 13.56 -6.18 -4.27
CA GLY A 315 12.32 -6.04 -3.53
C GLY A 315 11.15 -6.71 -4.19
N THR A 316 10.03 -6.71 -3.46
CA THR A 316 8.74 -7.21 -3.88
C THR A 316 7.80 -6.01 -4.04
N GLN A 317 6.51 -6.28 -4.28
CA GLN A 317 5.50 -5.23 -4.40
C GLN A 317 5.39 -4.39 -3.15
N ALA A 318 5.82 -4.93 -2.00
CA ALA A 318 5.71 -4.20 -0.75
C ALA A 318 6.34 -2.83 -0.84
N VAL A 319 7.19 -2.60 -1.81
CA VAL A 319 7.92 -1.35 -1.87
C VAL A 319 7.19 -0.33 -2.73
N GLU A 320 5.94 -0.61 -3.14
CA GLU A 320 5.47 0.12 -4.32
C GLU A 320 4.57 1.31 -4.01
N ALA A 321 3.62 1.24 -3.08
CA ALA A 321 2.85 2.48 -2.96
C ALA A 321 3.55 3.49 -2.05
N GLY A 322 4.22 3.00 -1.00
CA GLY A 322 4.60 3.86 0.08
C GLY A 322 6.05 4.16 0.24
N ILE A 323 6.95 3.68 -0.60
CA ILE A 323 8.36 3.97 -0.41
C ILE A 323 8.83 4.89 -1.52
N ASP A 324 9.57 5.93 -1.13
CA ASP A 324 10.02 7.00 -2.00
C ASP A 324 11.51 6.78 -2.31
N PHE A 325 11.78 6.04 -3.39
CA PHE A 325 13.13 5.95 -3.91
C PHE A 325 13.11 6.15 -5.41
N SER A 326 14.30 6.31 -5.97
CA SER A 326 14.46 6.55 -7.40
C SER A 326 15.71 5.84 -7.86
N VAL A 327 15.62 5.16 -9.00
CA VAL A 327 16.58 4.14 -9.42
C VAL A 327 16.83 4.29 -10.91
N ASP A 328 18.09 4.17 -11.33
CA ASP A 328 18.42 4.45 -12.74
C ASP A 328 17.86 3.37 -13.67
N LEU A 329 18.12 2.12 -13.34
CA LEU A 329 17.62 0.97 -14.07
C LEU A 329 16.67 0.18 -13.19
N MSE A 330 15.48 -0.12 -13.71
CA MSE A 330 14.63 -1.09 -13.06
C MSE A 330 14.27 -2.36 -13.88
O MSE A 330 13.73 -2.29 -14.99
CB MSE A 330 13.33 -0.47 -12.68
CG MSE A 330 12.53 -1.58 -12.08
SE MSE A 330 11.04 -1.26 -10.98
CE MSE A 330 9.74 -1.29 -12.55
N ILE A 331 14.54 -3.51 -13.28
CA ILE A 331 14.11 -4.81 -13.80
C ILE A 331 12.95 -5.30 -12.94
N THR A 332 11.78 -5.46 -13.54
CA THR A 332 10.64 -6.00 -12.79
C THR A 332 9.97 -7.18 -13.49
N ASP A 333 9.44 -8.10 -12.68
CA ASP A 333 8.48 -9.09 -13.15
C ASP A 333 7.37 -8.42 -13.92
N ARG A 334 6.76 -9.18 -14.82
CA ARG A 334 5.49 -8.77 -15.36
C ARG A 334 4.44 -8.77 -14.25
N ALA A 335 3.53 -7.79 -14.29
CA ALA A 335 2.41 -7.72 -13.35
C ALA A 335 1.34 -6.86 -13.97
N PRO A 336 0.11 -6.87 -13.42
CA PRO A 336 -0.95 -6.01 -13.98
C PRO A 336 -0.58 -4.53 -13.92
N ILE A 337 -1.42 -3.72 -14.58
CA ILE A 337 -0.96 -2.39 -15.00
C ILE A 337 -0.86 -1.44 -13.81
N ASN A 338 -1.75 -1.55 -12.83
CA ASN A 338 -1.60 -0.72 -11.65
C ASN A 338 -0.26 -0.97 -10.96
N SER A 339 0.09 -2.25 -10.76
CA SER A 339 1.37 -2.56 -10.12
C SER A 339 2.55 -2.07 -10.95
N LEU A 340 2.48 -2.22 -12.27
CA LEU A 340 3.64 -1.85 -13.08
C LEU A 340 3.82 -0.34 -13.12
N ILE A 341 2.72 0.42 -13.20
CA ILE A 341 2.81 1.88 -13.19
C ILE A 341 3.43 2.36 -11.90
N GLN A 342 2.98 1.78 -10.80
CA GLN A 342 3.57 1.99 -9.49
C GLN A 342 5.08 1.78 -9.53
N ARG A 343 5.48 0.60 -9.97
CA ARG A 343 6.89 0.24 -10.08
C ARG A 343 7.63 1.21 -11.00
N PHE A 344 7.04 1.52 -12.16
CA PHE A 344 7.71 2.42 -13.10
C PHE A 344 7.95 3.79 -12.48
N GLY A 345 7.04 4.20 -11.60
CA GLY A 345 7.17 5.52 -10.99
C GLY A 345 8.46 5.72 -10.23
N ARG A 346 9.08 4.64 -9.77
CA ARG A 346 10.31 4.70 -8.98
C ARG A 346 11.59 4.70 -9.80
N VAL A 347 11.54 5.01 -11.10
CA VAL A 347 12.74 4.92 -11.92
C VAL A 347 13.43 6.27 -12.12
N ALA A 348 12.77 7.22 -12.80
CA ALA A 348 13.38 8.54 -12.89
C ALA A 348 12.43 9.48 -12.15
N ARG A 349 12.53 9.51 -10.83
CA ARG A 349 11.40 10.04 -10.07
C ARG A 349 11.52 11.54 -9.83
N TYR A 350 12.73 12.02 -9.60
CA TYR A 350 12.97 13.41 -9.23
C TYR A 350 13.34 14.24 -10.47
N LYS A 351 13.62 15.53 -10.26
CA LYS A 351 13.41 16.44 -11.38
C LYS A 351 14.60 16.50 -12.34
N ASN A 352 15.82 16.43 -11.83
CA ASN A 352 16.98 16.47 -12.73
C ASN A 352 17.50 15.09 -13.08
N GLU A 353 16.58 14.15 -13.21
CA GLU A 353 16.82 12.77 -13.63
C GLU A 353 16.00 12.57 -14.89
N LYS A 354 16.64 12.53 -16.06
CA LYS A 354 15.90 12.59 -17.30
C LYS A 354 16.00 11.31 -18.13
N GLU A 355 16.95 10.43 -17.83
CA GLU A 355 17.06 9.16 -18.53
C GLU A 355 16.90 8.00 -17.55
N GLY A 356 16.14 6.99 -17.98
CA GLY A 356 15.99 5.75 -17.23
C GLY A 356 15.66 4.62 -18.17
N GLU A 357 15.70 3.40 -17.61
CA GLU A 357 15.42 2.19 -18.36
C GLU A 357 14.58 1.24 -17.50
N ILE A 358 13.62 0.56 -18.12
CA ILE A 358 12.75 -0.39 -17.45
C ILE A 358 12.75 -1.71 -18.24
N ILE A 359 12.89 -2.83 -17.54
CA ILE A 359 12.90 -4.13 -18.19
C ILE A 359 11.86 -5.03 -17.54
N ILE A 360 10.79 -5.28 -18.25
CA ILE A 360 9.74 -6.18 -17.77
C ILE A 360 10.07 -7.61 -18.21
N LEU A 361 9.88 -8.57 -17.29
CA LEU A 361 10.26 -9.96 -17.50
C LEU A 361 9.00 -10.75 -17.79
N GLU A 362 8.75 -11.01 -19.08
CA GLU A 362 7.50 -11.62 -19.47
C GLU A 362 7.41 -13.11 -19.15
N ASP A 363 8.50 -13.75 -18.71
CA ASP A 363 8.43 -15.15 -18.30
C ASP A 363 8.31 -15.35 -16.80
N ALA A 364 8.32 -14.27 -16.01
CA ALA A 364 8.35 -14.38 -14.55
C ALA A 364 7.04 -14.99 -14.04
N PRO A 365 7.06 -15.65 -12.89
CA PRO A 365 5.82 -16.25 -12.37
C PRO A 365 4.86 -15.18 -11.89
N TYR A 366 3.57 -15.49 -12.04
CA TYR A 366 2.52 -14.51 -11.72
C TYR A 366 2.53 -14.13 -10.25
N GLY A 367 2.91 -15.06 -9.39
CA GLY A 367 2.73 -14.89 -7.98
C GLY A 367 1.27 -14.67 -7.68
N PRO A 368 1.00 -13.66 -6.85
CA PRO A 368 -0.36 -13.48 -6.30
C PRO A 368 -1.35 -12.97 -7.31
N TYR A 369 -0.86 -12.48 -8.44
CA TYR A 369 -1.61 -11.78 -9.48
C TYR A 369 -2.45 -12.75 -10.32
N PRO A 370 -3.59 -12.27 -10.82
CA PRO A 370 -4.39 -13.08 -11.76
C PRO A 370 -3.77 -13.06 -13.15
N GLU A 371 -3.73 -14.23 -13.77
CA GLU A 371 -3.02 -14.38 -15.04
C GLU A 371 -3.70 -13.59 -16.16
N ASP A 372 -5.03 -13.65 -16.23
CA ASP A 372 -5.82 -12.82 -17.13
C ASP A 372 -5.23 -11.41 -17.24
N LYS A 373 -5.23 -10.68 -16.11
CA LYS A 373 -4.91 -9.25 -16.10
C LYS A 373 -3.45 -9.00 -16.43
N VAL A 374 -2.54 -9.86 -15.96
CA VAL A 374 -1.12 -9.71 -16.25
C VAL A 374 -0.88 -9.81 -17.76
N GLU A 375 -1.46 -10.82 -18.39
CA GLU A 375 -1.21 -11.00 -19.81
C GLU A 375 -1.86 -9.88 -20.61
N LYS A 376 -3.14 -9.60 -20.34
CA LYS A 376 -3.77 -8.50 -21.04
C LYS A 376 -2.95 -7.22 -20.91
N THR A 377 -2.48 -6.92 -19.70
CA THR A 377 -1.59 -5.78 -19.51
C THR A 377 -0.44 -5.82 -20.51
N LEU A 378 0.22 -6.97 -20.64
CA LEU A 378 1.38 -7.03 -21.51
C LEU A 378 1.02 -6.95 -22.98
N ASP A 379 -0.16 -7.46 -23.37
CA ASP A 379 -0.57 -7.35 -24.76
C ASP A 379 -0.78 -5.89 -25.15
N LEU A 380 -1.53 -5.15 -24.32
CA LEU A 380 -1.89 -3.77 -24.65
C LEU A 380 -0.71 -2.82 -24.58
N MSE A 381 0.24 -3.06 -23.69
CA MSE A 381 1.40 -2.17 -23.68
C MSE A 381 2.22 -2.35 -24.92
O MSE A 381 2.76 -1.37 -25.47
CB MSE A 381 2.29 -2.36 -22.45
CG MSE A 381 1.64 -2.34 -21.08
SE MSE A 381 3.04 -2.64 -19.74
CE MSE A 381 4.36 -1.40 -20.35
N LYS A 382 2.30 -3.58 -25.39
CA LYS A 382 3.14 -3.87 -26.55
C LYS A 382 2.61 -3.21 -27.82
N ARG A 383 1.28 -3.12 -27.96
CA ARG A 383 0.68 -2.31 -29.00
C ARG A 383 1.02 -0.84 -28.86
N GLY A 384 0.59 -0.23 -27.75
CA GLY A 384 0.65 1.21 -27.57
C GLY A 384 1.74 1.85 -26.74
N GLN A 385 3.03 1.70 -27.12
CA GLN A 385 4.18 2.02 -26.25
C GLN A 385 3.91 3.25 -25.39
N ILE A 386 4.00 3.10 -24.06
CA ILE A 386 3.58 4.14 -23.13
C ILE A 386 4.81 4.80 -22.50
N LEU A 387 4.78 6.08 -22.48
CA LEU A 387 5.70 6.87 -21.69
C LEU A 387 5.12 7.06 -20.29
N PRO A 388 5.91 6.82 -19.25
CA PRO A 388 5.38 6.86 -17.87
C PRO A 388 5.15 8.25 -17.31
N ARG A 389 4.39 8.28 -16.21
CA ARG A 389 3.90 9.47 -15.51
C ARG A 389 3.08 10.36 -16.45
N ILE A 390 2.60 9.83 -17.57
CA ILE A 390 1.93 10.67 -18.55
C ILE A 390 0.63 9.99 -18.97
N PRO A 391 -0.45 10.20 -18.23
CA PRO A 391 -1.61 9.28 -18.26
C PRO A 391 -2.17 8.96 -19.64
N GLU A 392 -2.04 9.89 -20.61
CA GLU A 392 -2.55 9.64 -21.96
C GLU A 392 -2.16 8.25 -22.45
N THR A 393 -0.92 7.84 -22.13
CA THR A 393 -0.36 6.62 -22.66
C THR A 393 -0.95 5.38 -21.97
N TYR A 394 -1.14 5.43 -20.66
CA TYR A 394 -1.58 4.26 -19.94
C TYR A 394 -3.05 4.26 -19.52
N GLN A 395 -3.78 5.36 -19.71
CA GLN A 395 -5.14 5.45 -19.18
C GLN A 395 -6.05 4.36 -19.74
N THR A 396 -5.91 4.02 -21.01
CA THR A 396 -6.84 3.05 -21.57
C THR A 396 -6.45 1.61 -21.21
N ILE A 397 -5.14 1.32 -21.15
CA ILE A 397 -4.73 0.04 -20.61
C ILE A 397 -5.38 -0.18 -19.25
N VAL A 398 -5.35 0.85 -18.39
CA VAL A 398 -5.86 0.75 -17.02
C VAL A 398 -7.33 0.38 -17.02
N THR A 399 -8.12 1.10 -17.82
CA THR A 399 -9.58 0.93 -17.73
C THR A 399 -10.02 -0.42 -18.27
N GLU A 400 -9.27 -0.97 -19.23
CA GLU A 400 -9.62 -2.27 -19.78
C GLU A 400 -9.15 -3.42 -18.88
N VAL A 401 -7.95 -3.27 -18.29
CA VAL A 401 -7.48 -4.29 -17.35
C VAL A 401 -8.31 -4.26 -16.06
N HIS A 402 -8.44 -3.09 -15.43
CA HIS A 402 -8.93 -3.02 -14.06
C HIS A 402 -10.44 -2.79 -14.05
N ARG A 403 -11.16 -3.82 -14.46
CA ARG A 403 -12.61 -3.77 -14.45
C ARG A 403 -13.24 -4.88 -13.62
N SER A 404 -14.54 -5.10 -13.84
CA SER A 404 -15.34 -6.30 -13.56
C SER A 404 -15.78 -6.58 -12.13
N ILE A 405 -15.31 -5.85 -11.10
CA ILE A 405 -15.33 -6.35 -9.71
C ILE A 405 -16.64 -7.01 -9.29
N THR A 406 -17.77 -6.53 -9.82
CA THR A 406 -19.10 -6.98 -9.38
C THR A 406 -19.28 -8.50 -9.50
N LYS A 407 -18.47 -9.18 -10.31
CA LYS A 407 -18.63 -10.62 -10.54
C LYS A 407 -18.65 -11.41 -9.22
N ASN A 408 -17.70 -11.13 -8.33
CA ASN A 408 -17.38 -12.01 -7.22
C ASN A 408 -17.76 -11.43 -5.86
N VAL A 409 -18.61 -10.40 -5.83
CA VAL A 409 -19.08 -9.82 -4.58
C VAL A 409 -20.22 -10.69 -4.07
N ASN A 410 -20.03 -11.30 -2.90
CA ASN A 410 -21.08 -12.06 -2.22
C ASN A 410 -22.03 -11.05 -1.60
N ARG A 411 -22.92 -10.50 -2.42
CA ARG A 411 -23.61 -9.26 -2.06
C ARG A 411 -24.63 -9.44 -0.92
N GLU A 412 -24.98 -10.67 -0.54
CA GLU A 412 -25.82 -10.77 0.65
C GLU A 412 -24.99 -10.70 1.92
N LEU A 413 -23.74 -11.21 1.89
CA LEU A 413 -22.80 -11.03 2.99
C LEU A 413 -22.39 -9.56 3.11
N LYS A 414 -22.01 -8.95 1.98
CA LYS A 414 -21.74 -7.51 1.97
C LYS A 414 -22.84 -6.74 2.63
N GLY A 415 -24.09 -7.20 2.49
CA GLY A 415 -25.19 -6.58 3.21
C GLY A 415 -25.11 -6.78 4.71
N GLU A 416 -24.89 -8.03 5.14
CA GLU A 416 -24.83 -8.32 6.57
C GLU A 416 -23.66 -7.60 7.22
N LEU A 417 -22.52 -7.56 6.55
CA LEU A 417 -21.36 -6.88 7.11
C LEU A 417 -21.65 -5.41 7.37
N VAL A 418 -22.46 -4.78 6.52
CA VAL A 418 -22.70 -3.35 6.72
C VAL A 418 -23.73 -3.11 7.83
N ARG A 419 -24.61 -4.09 8.07
CA ARG A 419 -25.52 -4.00 9.21
C ARG A 419 -24.77 -4.24 10.52
N LEU A 420 -23.77 -5.12 10.47
CA LEU A 420 -23.06 -5.49 11.68
C LEU A 420 -22.21 -4.33 12.21
N MSE A 421 -21.50 -3.63 11.32
CA MSE A 421 -20.64 -2.49 11.65
C MSE A 421 -21.46 -1.33 12.19
O MSE A 421 -21.05 -0.60 13.07
CB MSE A 421 -19.82 -2.02 10.41
CG MSE A 421 -19.05 -3.14 9.63
SE MSE A 421 -17.94 -2.69 8.07
CE MSE A 421 -19.19 -3.27 6.61
N LYS A 422 -22.66 -1.17 11.59
CA LYS A 422 -23.57 -0.11 12.02
C LYS A 422 -24.14 -0.37 13.41
N ASP A 423 -24.08 -1.61 13.89
CA ASP A 423 -24.74 -1.96 15.14
C ASP A 423 -23.72 -1.98 16.27
N PRO A 424 -23.91 -1.16 17.31
CA PRO A 424 -23.00 -1.22 18.46
C PRO A 424 -23.03 -2.55 19.16
N SER A 425 -24.22 -3.14 19.26
CA SER A 425 -24.39 -4.39 20.00
C SER A 425 -23.62 -5.54 19.40
N LYS A 426 -23.14 -5.43 18.16
CA LYS A 426 -22.46 -6.52 17.49
C LYS A 426 -20.95 -6.29 17.51
N ARG A 427 -20.20 -7.29 17.98
CA ARG A 427 -18.75 -7.22 18.13
C ARG A 427 -18.08 -8.31 17.27
N ALA A 428 -16.77 -8.49 17.45
CA ALA A 428 -16.02 -9.49 16.68
C ALA A 428 -16.70 -10.84 16.62
N PRO A 429 -17.08 -11.49 17.73
CA PRO A 429 -17.74 -12.80 17.62
C PRO A 429 -18.87 -12.86 16.60
N ASP A 430 -19.67 -11.79 16.49
CA ASP A 430 -20.85 -11.82 15.65
C ASP A 430 -20.50 -11.62 14.19
N VAL A 431 -19.54 -10.77 13.91
CA VAL A 431 -19.13 -10.63 12.52
C VAL A 431 -18.43 -11.90 12.03
N LEU A 432 -17.67 -12.56 12.91
CA LEU A 432 -16.96 -13.78 12.51
C LEU A 432 -17.93 -14.92 12.19
N SER A 433 -18.94 -15.13 13.03
CA SER A 433 -19.86 -16.23 12.78
C SER A 433 -20.90 -15.87 11.74
N ALA A 434 -21.05 -14.58 11.44
CA ALA A 434 -21.83 -14.19 10.29
C ALA A 434 -21.17 -14.65 9.00
N VAL A 435 -19.88 -14.38 8.84
CA VAL A 435 -19.25 -14.70 7.57
C VAL A 435 -19.04 -16.19 7.43
N GLU A 436 -18.98 -16.92 8.56
CA GLU A 436 -18.74 -18.35 8.47
C GLU A 436 -19.89 -19.04 7.76
N SER A 437 -21.10 -18.50 7.90
CA SER A 437 -22.24 -19.08 7.20
C SER A 437 -22.12 -18.88 5.70
N LEU A 438 -21.83 -17.65 5.28
CA LEU A 438 -21.92 -17.26 3.87
C LEU A 438 -20.61 -17.31 3.05
N ILE A 443 -11.21 -20.20 8.58
CA ILE A 443 -11.79 -21.06 7.55
C ILE A 443 -12.22 -20.18 6.36
N SER A 444 -12.72 -19.00 6.72
CA SER A 444 -13.43 -18.00 5.91
C SER A 444 -12.49 -17.14 5.07
N ILE A 445 -12.93 -15.90 4.82
CA ILE A 445 -12.11 -14.79 4.32
C ILE A 445 -10.81 -14.73 5.11
N MSE A 446 -10.76 -15.43 6.25
CA MSE A 446 -9.62 -15.61 7.13
C MSE A 446 -8.36 -16.18 6.49
O MSE A 446 -7.34 -16.29 7.16
CB MSE A 446 -10.00 -16.53 8.29
CG MSE A 446 -11.17 -15.98 9.07
SE MSE A 446 -10.59 -14.67 10.42
CE MSE A 446 -11.36 -15.52 11.91
N ARG A 447 -8.46 -16.57 5.23
CA ARG A 447 -7.26 -16.91 4.47
C ARG A 447 -6.26 -15.76 4.56
N ASP A 448 -6.77 -14.53 4.56
CA ASP A 448 -5.99 -13.31 4.49
C ASP A 448 -5.90 -12.56 5.82
N PHE A 449 -6.25 -13.19 6.93
CA PHE A 449 -6.09 -12.52 8.21
C PHE A 449 -4.69 -12.81 8.72
N LEU A 450 -3.78 -11.88 8.48
CA LEU A 450 -2.39 -12.05 8.91
C LEU A 450 -2.30 -12.00 10.43
N ILE A 451 -1.40 -12.81 10.98
CA ILE A 451 -1.34 -12.95 12.44
C ILE A 451 0.02 -12.65 12.92
N PRO A 452 0.17 -12.27 14.19
CA PRO A 452 1.42 -11.80 14.77
C PRO A 452 2.38 -12.93 15.11
N LEU A 453 3.46 -13.01 14.36
CA LEU A 453 4.57 -13.87 14.71
C LEU A 453 5.52 -13.00 15.49
N LEU A 454 5.86 -13.40 16.70
CA LEU A 454 6.69 -12.58 17.56
C LEU A 454 8.13 -13.05 17.46
N VAL A 455 9.00 -12.15 16.99
CA VAL A 455 10.44 -12.38 16.91
C VAL A 455 11.10 -11.31 17.78
N GLU A 456 11.99 -11.75 18.67
CA GLU A 456 11.67 -11.66 20.09
C GLU A 456 10.82 -10.45 20.51
N ASP A 457 11.34 -9.21 20.44
CA ASP A 457 10.47 -8.12 20.88
C ASP A 457 9.65 -7.53 19.74
N ASP A 458 10.13 -7.66 18.52
CA ASP A 458 9.43 -7.19 17.35
C ASP A 458 8.44 -8.26 16.88
N MSE A 459 7.67 -7.94 15.84
CA MSE A 459 6.89 -8.99 15.22
C MSE A 459 6.84 -8.88 13.68
O MSE A 459 7.35 -7.91 13.10
CB MSE A 459 5.48 -9.01 15.82
CG MSE A 459 4.68 -7.81 15.44
SE MSE A 459 3.72 -7.98 13.74
CE MSE A 459 1.97 -8.43 14.35
N VAL A 460 6.28 -9.91 13.06
CA VAL A 460 6.17 -10.07 11.62
C VAL A 460 4.79 -10.64 11.32
N LEU A 461 4.01 -9.96 10.50
CA LEU A 461 2.75 -10.55 10.08
C LEU A 461 2.98 -11.65 9.06
N ILE A 462 2.25 -12.75 9.22
CA ILE A 462 2.39 -13.91 8.36
C ILE A 462 1.01 -14.51 8.13
N THR A 463 0.84 -15.15 6.98
CA THR A 463 -0.45 -15.69 6.63
C THR A 463 -0.73 -16.94 7.44
N PRO A 464 -1.99 -17.28 7.63
CA PRO A 464 -2.32 -18.56 8.28
C PRO A 464 -1.49 -19.71 7.72
N ARG A 465 -1.25 -19.72 6.41
CA ARG A 465 -0.62 -20.87 5.76
C ARG A 465 0.88 -20.93 6.01
N LYS A 466 1.60 -19.80 5.96
CA LYS A 466 2.99 -19.91 6.37
C LYS A 466 3.14 -20.12 7.87
N LEU A 467 2.06 -19.92 8.65
CA LEU A 467 2.11 -20.35 10.04
C LEU A 467 2.15 -21.87 10.14
N LEU A 468 1.31 -22.55 9.36
CA LEU A 468 1.39 -24.00 9.27
C LEU A 468 2.78 -24.45 8.83
N GLU A 469 3.28 -23.90 7.72
CA GLU A 469 4.60 -24.30 7.24
C GLU A 469 5.65 -24.15 8.32
N LEU A 470 5.74 -22.96 8.92
CA LEU A 470 6.70 -22.73 10.00
C LEU A 470 6.47 -23.64 11.19
N TYR A 471 5.24 -24.12 11.37
CA TYR A 471 4.98 -24.98 12.51
C TYR A 471 5.56 -26.37 12.29
N SER A 472 5.29 -26.95 11.12
CA SER A 472 5.84 -28.27 10.79
C SER A 472 7.36 -28.27 10.87
N LYS A 473 8.01 -27.21 10.38
CA LYS A 473 9.45 -27.13 10.56
C LYS A 473 9.85 -26.81 12.00
N GLU A 474 8.88 -26.74 12.92
CA GLU A 474 9.12 -26.65 14.36
C GLU A 474 9.88 -25.36 14.71
N LEU A 475 9.39 -24.23 14.16
CA LEU A 475 9.97 -22.93 14.46
C LEU A 475 8.98 -21.97 15.11
N VAL A 476 7.78 -22.46 15.46
CA VAL A 476 6.71 -21.69 16.08
C VAL A 476 6.30 -22.37 17.37
N GLU A 477 6.10 -21.60 18.43
CA GLU A 477 5.44 -22.12 19.64
C GLU A 477 4.29 -21.19 20.02
N ILE A 478 3.14 -21.78 20.33
CA ILE A 478 1.92 -21.04 20.62
C ILE A 478 1.59 -21.21 22.11
N LYS A 479 1.74 -20.13 22.87
CA LYS A 479 1.31 -20.09 24.25
C LYS A 479 -0.17 -19.72 24.32
N GLY A 480 -0.96 -20.52 24.99
CA GLY A 480 -2.36 -20.22 25.21
C GLY A 480 -3.31 -20.80 24.17
N PHE A 481 -2.80 -21.47 23.14
CA PHE A 481 -3.63 -22.34 22.31
C PHE A 481 -2.91 -23.67 22.16
N ASN A 482 -3.69 -24.74 22.03
CA ASN A 482 -3.19 -26.08 22.34
C ASN A 482 -3.34 -27.10 21.22
N LYS A 483 -4.35 -26.99 20.35
CA LYS A 483 -4.32 -27.75 19.11
C LYS A 483 -3.08 -27.32 18.34
N GLU A 484 -2.11 -28.22 18.17
CA GLU A 484 -0.76 -27.81 17.76
C GLU A 484 -0.58 -28.07 16.27
N ILE A 485 -0.58 -26.98 15.50
CA ILE A 485 -1.02 -26.86 14.12
C ILE A 485 -0.47 -27.90 13.16
N LYS A 486 -1.40 -28.63 12.54
CA LYS A 486 -1.34 -29.24 11.22
C LYS A 486 -2.70 -28.92 10.62
N SER A 487 -2.95 -29.23 9.34
CA SER A 487 -4.26 -28.82 8.78
C SER A 487 -4.42 -27.30 8.73
N LEU A 488 -4.17 -26.68 7.57
CA LEU A 488 -4.60 -25.30 7.36
C LEU A 488 -5.80 -24.84 8.20
N GLU A 489 -6.83 -25.69 8.39
CA GLU A 489 -7.95 -25.23 9.22
C GLU A 489 -7.56 -25.00 10.69
N ASP A 490 -6.55 -25.73 11.19
CA ASP A 490 -6.00 -25.39 12.51
C ASP A 490 -5.43 -23.98 12.50
N ALA A 491 -4.66 -23.65 11.47
CA ALA A 491 -4.12 -22.30 11.35
C ALA A 491 -5.24 -21.27 11.27
N TYR A 492 -6.24 -21.52 10.43
CA TYR A 492 -7.34 -20.58 10.31
C TYR A 492 -8.04 -20.32 11.64
N LYS A 493 -7.83 -21.17 12.64
CA LYS A 493 -8.43 -21.00 13.96
C LYS A 493 -7.56 -20.17 14.90
N VAL A 494 -6.24 -20.29 14.79
CA VAL A 494 -5.33 -19.30 15.36
C VAL A 494 -5.72 -17.90 14.88
N ALA A 495 -5.89 -17.72 13.57
CA ALA A 495 -6.35 -16.43 13.08
C ALA A 495 -7.71 -16.08 13.65
N LYS A 496 -8.58 -17.08 13.85
CA LYS A 496 -9.89 -16.80 14.42
C LYS A 496 -9.78 -16.17 15.80
N SER A 497 -8.87 -16.69 16.62
CA SER A 497 -8.80 -16.26 18.00
C SER A 497 -8.00 -14.99 18.12
N VAL A 498 -6.91 -14.86 17.35
CA VAL A 498 -6.24 -13.56 17.28
C VAL A 498 -7.25 -12.46 16.94
N ALA A 499 -8.09 -12.68 15.94
CA ALA A 499 -9.10 -11.68 15.60
C ALA A 499 -10.10 -11.44 16.75
N LEU A 500 -10.26 -12.40 17.65
CA LEU A 500 -11.15 -12.27 18.78
C LEU A 500 -10.46 -11.69 20.01
N GLY A 501 -9.17 -11.43 19.92
CA GLY A 501 -8.41 -10.95 21.04
C GLY A 501 -8.17 -11.99 22.10
N GLU A 502 -8.03 -13.24 21.71
CA GLU A 502 -7.70 -14.26 22.69
C GLU A 502 -6.25 -14.12 23.13
N ASN A 503 -6.00 -14.55 24.37
CA ASN A 503 -4.72 -14.29 25.02
C ASN A 503 -3.66 -15.32 24.61
N ILE A 504 -3.38 -15.38 23.29
CA ILE A 504 -2.40 -16.31 22.74
C ILE A 504 -1.22 -15.55 22.18
N GLU A 505 -0.06 -16.18 22.23
CA GLU A 505 1.16 -15.64 21.66
C GLU A 505 1.73 -16.63 20.65
N ILE A 506 2.12 -16.13 19.48
CA ILE A 506 2.62 -16.95 18.39
C ILE A 506 4.08 -16.58 18.20
N ILE A 507 4.99 -17.41 18.70
CA ILE A 507 6.37 -17.01 18.92
C ILE A 507 7.29 -17.76 17.98
N PHE A 508 8.29 -17.05 17.47
CA PHE A 508 9.31 -17.63 16.62
C PHE A 508 10.44 -18.18 17.48
N ILE A 509 10.84 -19.42 17.21
CA ILE A 509 11.92 -20.04 17.97
C ILE A 509 13.25 -20.00 17.23
N GLY A 510 13.26 -20.11 15.91
CA GLY A 510 14.48 -19.94 15.14
C GLY A 510 15.12 -18.58 15.38
N ASN A 511 16.28 -18.40 14.76
CA ASN A 511 17.03 -17.15 14.87
C ASN A 511 16.76 -16.33 13.61
N TYR A 512 15.98 -15.27 13.78
CA TYR A 512 15.57 -14.38 12.71
C TYR A 512 16.76 -13.99 11.86
N ASP A 513 16.64 -14.17 10.55
CA ASP A 513 17.67 -13.74 9.63
C ASP A 513 17.58 -12.23 9.44
N TRP A 514 18.63 -11.52 9.83
CA TRP A 514 18.59 -10.07 9.81
C TRP A 514 18.82 -9.46 8.43
N GLU A 515 19.04 -10.26 7.40
CA GLU A 515 18.99 -9.72 6.05
C GLU A 515 17.90 -10.36 5.20
N ARG A 516 17.52 -11.60 5.48
CA ARG A 516 16.57 -12.34 4.67
C ARG A 516 15.14 -12.27 5.18
N GLY A 517 14.92 -11.74 6.39
CA GLY A 517 13.59 -11.78 6.98
C GLY A 517 13.23 -13.20 7.35
N ILE A 518 11.94 -13.52 7.25
CA ILE A 518 11.41 -14.79 7.73
C ILE A 518 11.15 -15.71 6.53
N PRO A 519 11.53 -17.00 6.62
CA PRO A 519 11.47 -18.00 5.54
C PRO A 519 10.40 -17.77 4.46
PG ATP B . 3.64 7.32 -5.76
O1G ATP B . 2.39 7.11 -6.59
O2G ATP B . 4.91 6.87 -6.41
O3G ATP B . 3.55 6.93 -4.28
PB ATP B . 3.17 9.99 -4.78
O1B ATP B . 2.06 10.65 -5.55
O2B ATP B . 2.95 9.32 -3.43
O3B ATP B . 3.90 8.92 -5.76
PA ATP B . 5.44 10.89 -3.60
O1A ATP B . 6.22 9.60 -3.89
O2A ATP B . 4.80 11.18 -2.27
O3A ATP B . 4.35 11.06 -4.73
O5' ATP B . 6.36 12.12 -3.95
C5' ATP B . 7.35 12.38 -2.99
C4' ATP B . 8.39 13.10 -3.79
O4' ATP B . 7.72 14.14 -4.49
C3' ATP B . 9.38 13.67 -2.81
O3' ATP B . 10.63 13.00 -3.03
C2' ATP B . 9.47 15.14 -3.16
O2' ATP B . 10.74 15.45 -3.76
C1' ATP B . 8.41 15.36 -4.23
N9 ATP B . 7.46 16.40 -3.80
C8 ATP B . 6.46 16.30 -2.90
N7 ATP B . 5.81 17.49 -2.82
C5 ATP B . 6.40 18.36 -3.68
C6 ATP B . 6.26 19.77 -4.12
N6 ATP B . 5.29 20.59 -3.64
N1 ATP B . 7.12 20.26 -5.05
C2 ATP B . 8.09 19.52 -5.58
N3 ATP B . 8.29 18.23 -5.24
C4 ATP B . 7.49 17.62 -4.32
MG MG C . 3.06 7.17 -1.53
#